data_3OY1
#
_entry.id   3OY1
#
_cell.length_a   52.126
_cell.length_b   71.328
_cell.length_c   107.752
_cell.angle_alpha   90.00
_cell.angle_beta   90.00
_cell.angle_gamma   90.00
#
_symmetry.space_group_name_H-M   'P 21 21 21'
#
loop_
_entity.id
_entity.type
_entity.pdbx_description
1 polymer 'Mitogen-activated protein kinase 10'
2 non-polymer 5-[2-(cyclohexylamino)pyridin-4-yl]-4-naphthalen-2-yl-2-(tetrahydro-2H-pyran-4-yl)-2,4-dihydro-3H-1,2,4-triazol-3-one
3 water water
#
_entity_poly.entity_id   1
_entity_poly.type   'polypeptide(L)'
_entity_poly.pdbx_seq_one_letter_code
;SKSKVDNQFYSVEVGDSTFTVLKRYQNLKPIGSGAQGIVCAAYDAVLDRNVAIKKLSRPFQNQTHAKRAYRELVLMKCVN
HKNIISLLNVFTPQKTLEEFQDVYLVMELMDANLCQVIQMELDHERMSYLLYQMLCGIKHLHSAGIIHRDLKPSNIVVKS
DCTLKILDFGLARTAGTSFMMTPYVVTRYYRAPEVILGMGYKENVDIWSVGCIMGEMVRHKILFPGRDYIDQWNKVIEQL
GTPCPEFMKKLQPTVRNYVENRPKYAGLTFPKLFPDSLFPADSEHNKLKASQARDLLSKMLVIDPAKRISVDDALQHPYI
NVWYDPAEVEAPPPQIYDKQLDEREHTIEEWKELIYKEVMNS
;
_entity_poly.pdbx_strand_id   A
#
loop_
_chem_comp.id
_chem_comp.type
_chem_comp.name
_chem_comp.formula
589 non-polymer 5-[2-(cyclohexylamino)pyridin-4-yl]-4-naphthalen-2-yl-2-(tetrahydro-2H-pyran-4-yl)-2,4-dihydro-3H-1,2,4-triazol-3-one 'C28 H31 N5 O2'
#
# COMPACT_ATOMS: atom_id res chain seq x y z
CA ASN A 7 -11.16 -34.29 10.18
C ASN A 7 -11.12 -32.90 10.80
N GLN A 8 -9.99 -32.22 10.63
CA GLN A 8 -9.82 -30.86 11.17
C GLN A 8 -10.44 -29.78 10.28
N PHE A 9 -10.80 -30.17 9.05
CA PHE A 9 -11.24 -29.22 8.03
C PHE A 9 -12.67 -29.49 7.56
N TYR A 10 -13.27 -28.49 6.93
CA TYR A 10 -14.57 -28.62 6.28
C TYR A 10 -14.64 -27.70 5.05
N SER A 11 -15.38 -28.13 4.04
CA SER A 11 -15.45 -27.39 2.78
C SER A 11 -16.78 -26.66 2.60
N VAL A 12 -16.68 -25.37 2.27
CA VAL A 12 -17.85 -24.54 2.02
C VAL A 12 -17.72 -23.81 0.68
N GLU A 13 -18.82 -23.74 -0.06
CA GLU A 13 -18.82 -23.12 -1.38
C GLU A 13 -19.11 -21.63 -1.27
N VAL A 14 -18.11 -20.80 -1.61
CA VAL A 14 -18.25 -19.36 -1.63
C VAL A 14 -18.08 -18.87 -3.07
N GLY A 15 -19.20 -18.81 -3.80
CA GLY A 15 -19.19 -18.46 -5.21
C GLY A 15 -18.72 -19.62 -6.07
N ASP A 16 -17.57 -19.43 -6.71
CA ASP A 16 -16.98 -20.44 -7.59
C ASP A 16 -15.89 -21.25 -6.89
N SER A 17 -15.16 -20.60 -5.99
CA SER A 17 -14.08 -21.25 -5.25
C SER A 17 -14.58 -21.90 -3.97
N THR A 18 -13.98 -23.04 -3.61
CA THR A 18 -14.34 -23.77 -2.40
C THR A 18 -13.35 -23.43 -1.28
N PHE A 19 -13.89 -23.05 -0.13
CA PHE A 19 -13.09 -22.75 1.05
C PHE A 19 -13.02 -23.95 1.99
N THR A 20 -11.87 -24.63 1.96
CA THR A 20 -11.59 -25.70 2.92
C THR A 20 -10.75 -25.11 4.04
N VAL A 21 -11.39 -24.90 5.18
CA VAL A 21 -10.75 -24.24 6.31
C VAL A 21 -10.86 -25.06 7.60
N LEU A 22 -10.03 -24.72 8.57
CA LEU A 22 -10.12 -25.31 9.90
C LEU A 22 -11.50 -25.07 10.50
N LYS A 23 -11.99 -26.05 11.25
CA LYS A 23 -13.34 -26.00 11.83
C LYS A 23 -13.55 -24.86 12.83
N ARG A 24 -12.46 -24.28 13.32
CA ARG A 24 -12.50 -23.12 14.22
C ARG A 24 -13.11 -21.89 13.55
N TYR A 25 -13.01 -21.81 12.22
CA TYR A 25 -13.51 -20.68 11.45
C TYR A 25 -14.93 -20.95 10.93
N GLN A 26 -15.89 -20.19 11.46
CA GLN A 26 -17.31 -20.42 11.21
C GLN A 26 -17.95 -19.23 10.49
N ASN A 27 -19.10 -19.50 9.85
CA ASN A 27 -19.89 -18.48 9.17
C ASN A 27 -19.07 -17.59 8.23
N LEU A 28 -18.58 -18.20 7.15
CA LEU A 28 -17.76 -17.50 6.17
C LEU A 28 -18.61 -16.67 5.22
N LYS A 29 -18.17 -15.43 4.99
CA LYS A 29 -18.85 -14.52 4.06
C LYS A 29 -17.82 -13.82 3.18
N PRO A 30 -18.08 -13.72 1.87
CA PRO A 30 -17.16 -13.06 0.95
C PRO A 30 -17.03 -11.56 1.24
N ILE A 31 -15.79 -11.06 1.26
CA ILE A 31 -15.52 -9.65 1.53
C ILE A 31 -14.54 -9.01 0.53
N GLY A 32 -14.51 -9.54 -0.69
CA GLY A 32 -13.65 -9.01 -1.75
C GLY A 32 -12.84 -10.06 -2.48
N SER A 33 -12.55 -9.78 -3.74
CA SER A 33 -11.78 -10.70 -4.60
C SER A 33 -10.55 -10.00 -5.18
N GLY A 37 -6.89 -13.68 -5.48
CA GLY A 37 -7.06 -14.28 -4.16
C GLY A 37 -8.37 -13.87 -3.53
N ILE A 38 -9.26 -14.84 -3.35
CA ILE A 38 -10.58 -14.60 -2.79
C ILE A 38 -10.52 -14.53 -1.26
N VAL A 39 -11.25 -13.57 -0.69
CA VAL A 39 -11.17 -13.25 0.74
C VAL A 39 -12.51 -13.50 1.44
N CYS A 40 -12.42 -14.03 2.66
CA CYS A 40 -13.62 -14.30 3.47
C CYS A 40 -13.52 -13.77 4.90
N ALA A 41 -14.63 -13.28 5.41
CA ALA A 41 -14.76 -12.96 6.83
C ALA A 41 -15.28 -14.20 7.57
N ALA A 42 -14.67 -14.50 8.71
CA ALA A 42 -15.09 -15.65 9.50
C ALA A 42 -15.07 -15.35 11.00
N TYR A 43 -15.79 -16.14 11.77
CA TYR A 43 -15.70 -16.09 13.21
C TYR A 43 -14.76 -17.20 13.70
N ASP A 44 -13.73 -16.79 14.44
CA ASP A 44 -12.78 -17.74 15.01
C ASP A 44 -13.28 -18.17 16.38
N ALA A 45 -13.67 -19.44 16.48
CA ALA A 45 -14.22 -20.00 17.73
C ALA A 45 -13.15 -20.20 18.82
N VAL A 46 -11.90 -20.34 18.42
CA VAL A 46 -10.79 -20.51 19.36
C VAL A 46 -10.38 -19.18 19.98
N LEU A 47 -10.23 -18.16 19.14
CA LEU A 47 -9.84 -16.83 19.61
C LEU A 47 -11.03 -16.00 20.12
N ASP A 48 -12.23 -16.35 19.67
CA ASP A 48 -13.47 -15.63 20.01
C ASP A 48 -13.48 -14.20 19.45
N ARG A 49 -12.97 -14.06 18.22
CA ARG A 49 -13.01 -12.81 17.49
C ARG A 49 -13.12 -13.04 15.99
N ASN A 50 -13.63 -12.05 15.26
CA ASN A 50 -13.82 -12.15 13.82
C ASN A 50 -12.50 -11.98 13.07
N VAL A 51 -12.32 -12.81 12.02
CA VAL A 51 -11.08 -12.81 11.25
C VAL A 51 -11.32 -12.63 9.76
N ALA A 52 -10.27 -12.25 9.04
CA ALA A 52 -10.26 -12.29 7.58
C ALA A 52 -9.33 -13.39 7.11
N ILE A 53 -9.83 -14.23 6.21
CA ILE A 53 -9.05 -15.33 5.64
C ILE A 53 -8.86 -15.14 4.13
N LYS A 54 -7.61 -15.16 3.70
CA LYS A 54 -7.25 -15.04 2.29
C LYS A 54 -6.84 -16.40 1.73
N LYS A 55 -7.44 -16.79 0.60
CA LYS A 55 -7.08 -18.03 -0.07
C LYS A 55 -6.15 -17.78 -1.27
N LEU A 56 -4.95 -18.34 -1.19
CA LEU A 56 -4.02 -18.35 -2.32
C LEU A 56 -4.20 -19.66 -3.09
N SER A 57 -4.89 -19.57 -4.23
CA SER A 57 -5.15 -20.75 -5.06
C SER A 57 -3.92 -21.12 -5.90
N ARG A 58 -3.30 -22.24 -5.53
CA ARG A 58 -2.09 -22.75 -6.20
C ARG A 58 -1.06 -21.63 -6.49
N PRO A 59 -0.47 -21.03 -5.44
CA PRO A 59 0.40 -19.87 -5.61
C PRO A 59 1.65 -20.17 -6.45
N PHE A 60 2.04 -21.44 -6.49
CA PHE A 60 3.22 -21.90 -7.23
C PHE A 60 2.99 -22.02 -8.74
N GLN A 61 1.81 -21.62 -9.21
CA GLN A 61 1.40 -21.81 -10.61
C GLN A 61 2.25 -21.09 -11.66
N ASN A 62 2.88 -19.98 -11.27
CA ASN A 62 3.83 -19.28 -12.13
C ASN A 62 4.84 -18.47 -11.32
N GLN A 63 5.93 -18.04 -11.97
CA GLN A 63 6.99 -17.27 -11.35
C GLN A 63 6.51 -16.02 -10.60
N THR A 64 5.53 -15.32 -11.17
CA THR A 64 5.01 -14.08 -10.59
C THR A 64 4.19 -14.34 -9.33
N HIS A 65 3.21 -15.24 -9.41
CA HIS A 65 2.38 -15.59 -8.27
C HIS A 65 3.19 -16.21 -7.13
N ALA A 66 4.19 -17.01 -7.48
CA ALA A 66 4.97 -17.78 -6.51
C ALA A 66 6.01 -16.94 -5.76
N LYS A 67 6.65 -16.02 -6.48
CA LYS A 67 7.69 -15.17 -5.90
C LYS A 67 7.11 -14.19 -4.88
N ARG A 68 5.92 -13.67 -5.18
CA ARG A 68 5.21 -12.77 -4.26
C ARG A 68 4.69 -13.51 -3.03
N ALA A 69 4.07 -14.67 -3.25
CA ALA A 69 3.52 -15.49 -2.17
C ALA A 69 4.60 -15.91 -1.16
N TYR A 70 5.74 -16.38 -1.67
CA TYR A 70 6.86 -16.77 -0.82
C TYR A 70 7.45 -15.58 -0.06
N ARG A 71 7.76 -14.51 -0.80
CA ARG A 71 8.30 -13.28 -0.22
C ARG A 71 7.42 -12.73 0.91
N GLU A 72 6.12 -12.64 0.65
CA GLU A 72 5.19 -12.06 1.60
C GLU A 72 4.90 -12.97 2.80
N LEU A 73 4.94 -14.28 2.60
CA LEU A 73 4.82 -15.23 3.71
C LEU A 73 6.05 -15.13 4.62
N VAL A 74 7.22 -14.99 4.00
CA VAL A 74 8.48 -14.83 4.73
C VAL A 74 8.55 -13.50 5.48
N LEU A 75 8.10 -12.41 4.84
CA LEU A 75 8.17 -11.08 5.43
C LEU A 75 7.15 -10.83 6.54
N MET A 76 6.03 -11.54 6.50
CA MET A 76 4.99 -11.40 7.53
C MET A 76 5.45 -11.83 8.93
N LYS A 77 6.59 -12.53 8.98
CA LYS A 77 7.22 -12.90 10.26
C LYS A 77 8.53 -12.13 10.51
N CYS A 78 8.91 -11.29 9.55
CA CYS A 78 10.04 -10.37 9.72
C CYS A 78 9.58 -8.99 10.19
N VAL A 79 8.26 -8.83 10.28
CA VAL A 79 7.64 -7.55 10.62
C VAL A 79 6.79 -7.67 11.88
N ASN A 80 6.90 -6.67 12.76
CA ASN A 80 6.10 -6.60 13.97
C ASN A 80 5.64 -5.17 14.25
N HIS A 81 4.51 -4.79 13.63
CA HIS A 81 3.99 -3.42 13.73
C HIS A 81 2.47 -3.39 13.58
N LYS A 82 1.82 -2.48 14.32
CA LYS A 82 0.36 -2.39 14.31
C LYS A 82 -0.25 -1.80 13.03
N ASN A 83 0.58 -1.13 12.23
CA ASN A 83 0.12 -0.55 10.96
C ASN A 83 0.46 -1.41 9.75
N ILE A 84 1.06 -2.57 10.01
CA ILE A 84 1.35 -3.57 8.99
C ILE A 84 0.63 -4.88 9.35
N ILE A 85 0.15 -5.58 8.34
CA ILE A 85 -0.50 -6.89 8.51
C ILE A 85 0.33 -7.83 9.39
N SER A 86 -0.33 -8.44 10.37
CA SER A 86 0.28 -9.49 11.18
C SER A 86 -0.56 -10.76 11.12
N LEU A 87 0.09 -11.87 10.77
CA LEU A 87 -0.58 -13.16 10.62
C LEU A 87 -1.02 -13.75 11.95
N LEU A 88 -2.28 -14.20 11.99
CA LEU A 88 -2.78 -14.92 13.15
C LEU A 88 -2.55 -16.43 12.98
N ASN A 89 -2.76 -16.93 11.77
CA ASN A 89 -2.62 -18.34 11.46
C ASN A 89 -2.32 -18.58 9.98
N VAL A 90 -1.54 -19.62 9.71
CA VAL A 90 -1.24 -20.08 8.35
C VAL A 90 -1.49 -21.58 8.29
N PHE A 91 -2.18 -22.04 7.27
CA PHE A 91 -2.46 -23.46 7.11
C PHE A 91 -2.77 -23.88 5.66
N THR A 92 -2.62 -25.18 5.39
CA THR A 92 -3.10 -25.81 4.17
C THR A 92 -3.91 -27.05 4.51
N PRO A 93 -5.06 -27.26 3.83
CA PRO A 93 -5.86 -28.47 4.04
C PRO A 93 -5.13 -29.74 3.58
N GLN A 94 -4.34 -29.62 2.51
CA GLN A 94 -3.65 -30.77 1.92
C GLN A 94 -2.59 -31.33 2.85
N LYS A 95 -2.47 -32.67 2.85
CA LYS A 95 -1.70 -33.39 3.87
C LYS A 95 -0.22 -33.51 3.56
N THR A 96 0.12 -33.62 2.27
CA THR A 96 1.51 -33.78 1.84
C THR A 96 1.92 -32.70 0.82
N LEU A 97 3.20 -32.71 0.47
CA LEU A 97 3.73 -31.82 -0.57
C LEU A 97 3.20 -32.19 -1.95
N GLU A 98 3.00 -33.49 -2.18
CA GLU A 98 2.43 -34.00 -3.44
C GLU A 98 1.01 -33.48 -3.69
N GLU A 99 0.19 -33.47 -2.65
CA GLU A 99 -1.20 -33.03 -2.75
C GLU A 99 -1.35 -31.51 -2.62
N PHE A 100 -0.35 -30.87 -2.03
CA PHE A 100 -0.35 -29.43 -1.74
C PHE A 100 -0.88 -28.54 -2.88
N GLN A 101 -1.98 -27.85 -2.61
CA GLN A 101 -2.61 -26.95 -3.58
C GLN A 101 -2.70 -25.52 -3.06
N ASP A 102 -3.47 -25.32 -2.00
CA ASP A 102 -3.87 -23.99 -1.56
C ASP A 102 -3.27 -23.56 -0.23
N VAL A 103 -3.08 -22.25 -0.08
CA VAL A 103 -2.58 -21.65 1.16
C VAL A 103 -3.63 -20.68 1.72
N TYR A 104 -3.93 -20.81 3.00
CA TYR A 104 -4.91 -19.94 3.65
C TYR A 104 -4.22 -19.07 4.70
N LEU A 105 -4.42 -17.77 4.61
CA LEU A 105 -3.82 -16.81 5.54
C LEU A 105 -4.89 -16.13 6.38
N VAL A 106 -4.63 -15.96 7.67
CA VAL A 106 -5.62 -15.43 8.61
C VAL A 106 -5.09 -14.18 9.32
N MET A 107 -5.93 -13.14 9.35
CA MET A 107 -5.63 -11.91 10.08
C MET A 107 -6.88 -11.36 10.74
N GLU A 108 -6.69 -10.39 11.65
CA GLU A 108 -7.79 -9.64 12.26
C GLU A 108 -8.70 -9.04 11.19
N LEU A 109 -10.01 -9.18 11.39
CA LEU A 109 -10.98 -8.61 10.45
C LEU A 109 -11.06 -7.10 10.59
N MET A 110 -10.97 -6.41 9.45
CA MET A 110 -11.05 -4.96 9.41
C MET A 110 -12.40 -4.50 8.88
N ASP A 111 -12.70 -3.21 9.03
CA ASP A 111 -14.02 -2.69 8.75
C ASP A 111 -14.19 -2.12 7.34
N ALA A 112 -13.13 -1.51 6.81
CA ALA A 112 -13.20 -0.83 5.53
C ALA A 112 -11.88 -0.86 4.76
N ASN A 113 -12.01 -0.80 3.43
CA ASN A 113 -10.88 -0.59 2.53
C ASN A 113 -10.62 0.92 2.42
N LEU A 114 -9.38 1.31 2.17
CA LEU A 114 -9.03 2.74 2.09
C LEU A 114 -9.69 3.45 0.90
N CYS A 115 -9.98 2.71 -0.16
CA CYS A 115 -10.73 3.24 -1.30
C CYS A 115 -12.07 3.83 -0.87
N GLN A 116 -12.74 3.17 0.08
CA GLN A 116 -14.02 3.62 0.62
C GLN A 116 -13.86 4.90 1.44
N VAL A 117 -12.80 4.96 2.23
CA VAL A 117 -12.51 6.11 3.10
C VAL A 117 -12.13 7.34 2.27
N ILE A 118 -11.48 7.12 1.13
CA ILE A 118 -11.13 8.18 0.19
C ILE A 118 -12.39 8.90 -0.34
N GLN A 119 -13.44 8.14 -0.56
CA GLN A 119 -14.69 8.67 -0.99
C GLN A 119 -15.39 9.53 0.06
N MET A 120 -14.88 9.56 1.27
CA MET A 120 -15.60 10.23 2.30
C MET A 120 -15.18 11.65 2.40
N GLU A 121 -15.99 12.46 3.05
CA GLU A 121 -15.62 13.82 3.30
C GLU A 121 -14.46 14.12 4.19
N LEU A 122 -13.65 15.07 3.73
CA LEU A 122 -12.34 15.32 4.26
C LEU A 122 -12.39 16.03 5.56
N ASP A 123 -11.81 15.43 6.58
CA ASP A 123 -11.87 15.85 7.97
C ASP A 123 -10.41 15.80 8.37
N HIS A 124 -9.86 16.78 9.10
CA HIS A 124 -8.43 16.89 9.17
C HIS A 124 -7.85 16.00 10.19
N GLU A 125 -8.60 15.82 11.24
CA GLU A 125 -8.25 14.92 12.35
C GLU A 125 -8.09 13.48 11.87
N ARG A 126 -9.03 13.02 11.05
CA ARG A 126 -9.02 11.65 10.54
C ARG A 126 -8.01 11.47 9.40
N MET A 127 -7.95 12.46 8.50
CA MET A 127 -7.01 12.42 7.38
C MET A 127 -5.55 12.39 7.87
N SER A 128 -5.21 13.29 8.79
CA SER A 128 -3.85 13.37 9.33
C SER A 128 -3.44 12.12 10.12
N TYR A 129 -4.40 11.52 10.84
CA TYR A 129 -4.14 10.29 11.60
C TYR A 129 -3.95 9.08 10.68
N LEU A 130 -4.74 9.00 9.61
CA LEU A 130 -4.56 7.95 8.60
C LEU A 130 -3.20 8.07 7.93
N LEU A 131 -2.85 9.30 7.52
CA LEU A 131 -1.56 9.57 6.89
C LEU A 131 -0.39 9.33 7.85
N TYR A 132 -0.58 9.69 9.11
CA TYR A 132 0.42 9.43 10.16
C TYR A 132 0.72 7.94 10.29
N GLN A 133 -0.33 7.12 10.23
CA GLN A 133 -0.22 5.69 10.36
C GLN A 133 0.44 5.04 9.15
N MET A 134 0.11 5.52 7.95
CA MET A 134 0.80 5.08 6.74
C MET A 134 2.30 5.30 6.87
N LEU A 135 2.70 6.49 7.35
CA LEU A 135 4.10 6.85 7.52
C LEU A 135 4.81 5.97 8.56
N CYS A 136 4.13 5.67 9.67
CA CYS A 136 4.65 4.75 10.69
C CYS A 136 4.94 3.35 10.12
N GLY A 137 3.96 2.80 9.40
CA GLY A 137 4.11 1.49 8.76
C GLY A 137 5.22 1.49 7.73
N ILE A 138 5.21 2.48 6.86
CA ILE A 138 6.24 2.69 5.84
C ILE A 138 7.64 2.81 6.46
N LYS A 139 7.75 3.55 7.56
CA LYS A 139 9.00 3.68 8.31
C LYS A 139 9.44 2.34 8.90
N HIS A 140 8.49 1.56 9.40
CA HIS A 140 8.81 0.25 9.97
C HIS A 140 9.31 -0.73 8.92
N LEU A 141 8.72 -0.67 7.73
CA LEU A 141 9.21 -1.43 6.60
C LEU A 141 10.65 -1.03 6.23
N HIS A 142 10.88 0.27 6.08
CA HIS A 142 12.19 0.79 5.69
C HIS A 142 13.27 0.47 6.72
N SER A 143 12.88 0.43 7.99
CA SER A 143 13.79 0.05 9.08
C SER A 143 14.18 -1.43 9.01
N ALA A 144 13.31 -2.24 8.41
CA ALA A 144 13.53 -3.67 8.26
C ALA A 144 14.16 -4.01 6.90
N GLY A 145 14.48 -2.96 6.13
CA GLY A 145 15.10 -3.12 4.81
C GLY A 145 14.11 -3.32 3.68
N ILE A 146 12.85 -2.96 3.92
CA ILE A 146 11.77 -3.18 2.97
C ILE A 146 11.26 -1.85 2.40
N ILE A 147 11.59 -1.59 1.13
CA ILE A 147 11.02 -0.46 0.41
C ILE A 147 9.90 -0.99 -0.48
N HIS A 148 8.70 -0.45 -0.28
CA HIS A 148 7.45 -0.97 -0.87
C HIS A 148 7.38 -0.78 -2.38
N ARG A 149 7.43 0.48 -2.81
CA ARG A 149 7.42 0.87 -4.24
C ARG A 149 6.07 0.73 -4.95
N ASP A 150 5.13 0.03 -4.34
CA ASP A 150 3.79 -0.13 -4.93
C ASP A 150 2.67 0.04 -3.91
N LEU A 151 2.76 1.12 -3.14
CA LEU A 151 1.78 1.41 -2.09
C LEU A 151 0.53 2.02 -2.73
N LYS A 152 -0.62 1.42 -2.44
CA LYS A 152 -1.90 1.85 -3.01
C LYS A 152 -3.05 1.62 -2.01
N PRO A 153 -4.11 2.44 -2.10
CA PRO A 153 -5.24 2.40 -1.17
C PRO A 153 -5.98 1.05 -1.09
N SER A 154 -6.14 0.35 -2.21
CA SER A 154 -6.85 -0.94 -2.22
C SER A 154 -6.18 -2.02 -1.36
N ASN A 155 -4.87 -1.84 -1.12
CA ASN A 155 -4.11 -2.74 -0.25
C ASN A 155 -3.92 -2.20 1.15
N ILE A 156 -4.75 -1.22 1.52
CA ILE A 156 -4.75 -0.65 2.86
C ILE A 156 -6.15 -0.77 3.46
N VAL A 157 -6.22 -1.26 4.69
CA VAL A 157 -7.50 -1.44 5.38
C VAL A 157 -7.60 -0.67 6.69
N VAL A 158 -8.84 -0.29 7.03
CA VAL A 158 -9.12 0.60 8.14
C VAL A 158 -10.19 0.01 9.08
N LYS A 159 -10.05 0.29 10.37
CA LYS A 159 -11.10 0.00 11.35
C LYS A 159 -11.97 1.25 11.59
N SER A 160 -13.12 1.07 12.23
CA SER A 160 -14.03 2.18 12.53
C SER A 160 -13.41 3.22 13.47
N ASP A 161 -12.48 2.79 14.31
CA ASP A 161 -11.77 3.70 15.20
C ASP A 161 -10.59 4.39 14.51
N CYS A 162 -10.59 4.33 13.17
CA CYS A 162 -9.54 4.89 12.30
C CYS A 162 -8.13 4.32 12.45
N THR A 163 -8.01 3.12 13.01
CA THR A 163 -6.74 2.39 12.96
C THR A 163 -6.57 1.79 11.56
N LEU A 164 -5.33 1.79 11.08
CA LEU A 164 -5.03 1.47 9.68
C LEU A 164 -4.01 0.35 9.57
N LYS A 165 -4.14 -0.50 8.55
CA LYS A 165 -3.16 -1.55 8.27
C LYS A 165 -2.82 -1.68 6.78
N ILE A 166 -1.52 -1.70 6.49
CA ILE A 166 -1.01 -1.96 5.14
C ILE A 166 -0.92 -3.48 4.94
N LEU A 167 -1.53 -3.96 3.86
CA LEU A 167 -1.70 -5.41 3.63
C LEU A 167 -0.59 -6.14 2.88
N ASP A 168 0.16 -5.43 2.05
CA ASP A 168 1.19 -6.08 1.23
C ASP A 168 2.58 -5.48 1.46
N PHE A 169 3.56 -6.03 0.75
CA PHE A 169 4.97 -5.64 0.93
C PHE A 169 5.60 -5.09 -0.36
N GLY A 170 4.77 -4.94 -1.40
CA GLY A 170 5.15 -4.23 -2.61
C GLY A 170 5.97 -4.99 -3.63
N LEU A 171 6.86 -4.26 -4.30
CA LEU A 171 7.72 -4.84 -5.34
C LEU A 171 9.02 -5.33 -4.69
N VAL A 186 -3.61 -4.45 -13.04
CA VAL A 186 -2.98 -3.88 -11.85
C VAL A 186 -2.93 -2.35 -11.90
N THR A 187 -3.32 -1.72 -10.79
CA THR A 187 -3.37 -0.26 -10.69
C THR A 187 -1.99 0.35 -10.43
N ARG A 188 -1.57 1.23 -11.34
CA ARG A 188 -0.22 1.79 -11.35
C ARG A 188 -0.18 3.28 -11.01
N TYR A 189 -1.33 3.86 -10.65
CA TYR A 189 -1.48 5.31 -10.51
C TYR A 189 -0.68 5.95 -9.37
N TYR A 190 -0.33 5.16 -8.36
CA TYR A 190 0.29 5.69 -7.13
C TYR A 190 1.80 5.48 -7.12
N ARG A 191 2.32 4.96 -8.24
CA ARG A 191 3.74 4.70 -8.39
C ARG A 191 4.55 5.96 -8.68
N ALA A 192 5.72 6.05 -8.05
CA ALA A 192 6.61 7.20 -8.16
C ALA A 192 7.21 7.34 -9.56
N PRO A 193 7.59 8.58 -9.95
CA PRO A 193 8.28 8.83 -11.22
C PRO A 193 9.48 7.91 -11.47
N GLU A 194 10.25 7.63 -10.42
CA GLU A 194 11.41 6.74 -10.54
C GLU A 194 11.02 5.27 -10.81
N VAL A 195 9.80 4.89 -10.44
CA VAL A 195 9.25 3.57 -10.76
C VAL A 195 8.66 3.60 -12.17
N ILE A 196 8.01 4.72 -12.51
CA ILE A 196 7.42 4.91 -13.84
C ILE A 196 8.50 4.95 -14.93
N LEU A 197 9.65 5.51 -14.60
CA LEU A 197 10.74 5.73 -15.57
C LEU A 197 11.96 4.84 -15.33
N GLY A 198 11.86 3.92 -14.37
CA GLY A 198 12.91 2.94 -14.08
C GLY A 198 14.26 3.54 -13.75
N MET A 199 14.30 4.32 -12.67
CA MET A 199 15.47 5.16 -12.37
C MET A 199 16.40 4.61 -11.29
N GLY A 200 15.87 3.76 -10.42
CA GLY A 200 16.52 3.49 -9.15
C GLY A 200 15.88 4.41 -8.13
N TYR A 201 16.04 4.07 -6.86
CA TYR A 201 15.24 4.68 -5.80
C TYR A 201 15.91 4.60 -4.45
N LYS A 202 15.45 5.45 -3.52
CA LYS A 202 15.78 5.33 -2.11
C LYS A 202 14.46 5.16 -1.34
N GLU A 203 14.49 5.36 -0.02
CA GLU A 203 13.32 5.15 0.83
C GLU A 203 12.13 6.07 0.50
N ASN A 204 12.41 7.28 0.01
CA ASN A 204 11.35 8.28 -0.22
C ASN A 204 10.49 8.06 -1.46
N VAL A 205 10.71 6.94 -2.15
CA VAL A 205 9.85 6.51 -3.27
C VAL A 205 8.40 6.30 -2.82
N ASP A 206 8.24 5.87 -1.56
CA ASP A 206 6.93 5.60 -0.98
C ASP A 206 6.22 6.88 -0.53
N ILE A 207 6.97 7.96 -0.36
CA ILE A 207 6.40 9.28 -0.05
C ILE A 207 5.50 9.77 -1.19
N TRP A 208 5.95 9.59 -2.43
CA TRP A 208 5.14 9.92 -3.59
C TRP A 208 3.76 9.30 -3.43
N SER A 209 3.73 7.98 -3.27
CA SER A 209 2.48 7.20 -3.12
C SER A 209 1.55 7.74 -2.03
N VAL A 210 2.13 8.11 -0.89
CA VAL A 210 1.40 8.75 0.21
C VAL A 210 0.78 10.08 -0.26
N GLY A 211 1.54 10.83 -1.06
CA GLY A 211 1.08 12.12 -1.60
C GLY A 211 -0.07 11.93 -2.57
N CYS A 212 0.00 10.85 -3.36
CA CYS A 212 -1.05 10.50 -4.32
C CYS A 212 -2.36 10.10 -3.63
N ILE A 213 -2.25 9.48 -2.46
CA ILE A 213 -3.43 9.11 -1.67
C ILE A 213 -4.01 10.35 -1.00
N MET A 214 -3.15 11.15 -0.37
CA MET A 214 -3.53 12.39 0.30
C MET A 214 -4.21 13.39 -0.63
N GLY A 215 -3.75 13.46 -1.87
CA GLY A 215 -4.33 14.35 -2.88
C GLY A 215 -5.70 13.90 -3.35
N GLU A 216 -5.86 12.58 -3.48
CA GLU A 216 -7.13 11.98 -3.88
C GLU A 216 -8.21 12.15 -2.82
N MET A 217 -7.81 12.15 -1.55
CA MET A 217 -8.72 12.42 -0.43
C MET A 217 -9.29 13.84 -0.51
N VAL A 218 -8.53 14.74 -1.12
CA VAL A 218 -8.94 16.14 -1.27
C VAL A 218 -9.72 16.35 -2.56
N ARG A 219 -9.15 15.91 -3.68
CA ARG A 219 -9.73 16.12 -5.01
C ARG A 219 -10.89 15.17 -5.30
N HIS A 220 -10.87 14.00 -4.64
CA HIS A 220 -11.82 12.91 -4.89
C HIS A 220 -11.75 12.41 -6.33
N LYS A 221 -10.57 12.58 -6.92
CA LYS A 221 -10.26 12.06 -8.25
C LYS A 221 -8.84 11.51 -8.21
N ILE A 222 -8.59 10.44 -8.97
CA ILE A 222 -7.24 9.92 -9.15
C ILE A 222 -6.39 11.02 -9.81
N LEU A 223 -5.33 11.44 -9.12
CA LEU A 223 -4.48 12.55 -9.56
C LEU A 223 -3.79 12.28 -10.88
N PHE A 224 -3.21 11.10 -11.02
CA PHE A 224 -2.45 10.75 -12.23
C PHE A 224 -2.95 9.45 -12.87
N PRO A 225 -4.10 9.52 -13.58
CA PRO A 225 -4.67 8.37 -14.25
C PRO A 225 -4.05 8.11 -15.62
N GLY A 226 -4.44 7.00 -16.23
CA GLY A 226 -3.97 6.64 -17.57
C GLY A 226 -4.00 5.15 -17.81
N ARG A 227 -4.25 4.76 -19.05
CA ARG A 227 -4.29 3.34 -19.43
C ARG A 227 -2.91 2.69 -19.34
N ASP A 228 -1.86 3.52 -19.46
CA ASP A 228 -0.48 3.08 -19.32
C ASP A 228 0.41 4.22 -18.79
N TYR A 229 1.72 3.94 -18.65
CA TYR A 229 2.69 4.92 -18.15
C TYR A 229 2.83 6.20 -18.98
N ILE A 230 2.55 6.11 -20.28
CA ILE A 230 2.62 7.28 -21.17
C ILE A 230 1.58 8.33 -20.78
N ASP A 231 0.32 7.92 -20.68
CA ASP A 231 -0.76 8.79 -20.19
C ASP A 231 -0.45 9.30 -18.79
N GLN A 232 0.02 8.39 -17.94
CA GLN A 232 0.29 8.68 -16.53
C GLN A 232 1.35 9.78 -16.36
N TRP A 233 2.43 9.68 -17.13
CA TRP A 233 3.51 10.68 -17.08
C TRP A 233 3.04 12.03 -17.59
N ASN A 234 2.21 12.02 -18.64
CA ASN A 234 1.61 13.24 -19.17
C ASN A 234 0.83 13.99 -18.08
N LYS A 235 0.08 13.23 -17.27
CA LYS A 235 -0.67 13.81 -16.15
C LYS A 235 0.24 14.36 -15.04
N VAL A 236 1.41 13.74 -14.86
CA VAL A 236 2.37 14.20 -13.87
C VAL A 236 2.99 15.55 -14.26
N ILE A 237 3.45 15.66 -15.50
CA ILE A 237 4.09 16.89 -15.99
C ILE A 237 3.13 18.05 -16.27
N GLU A 238 1.92 17.75 -16.72
CA GLU A 238 0.91 18.79 -16.98
C GLU A 238 0.55 19.58 -15.73
N GLN A 239 0.57 18.90 -14.58
CA GLN A 239 0.14 19.48 -13.31
C GLN A 239 1.29 20.02 -12.49
N LEU A 240 2.40 19.27 -12.46
CA LEU A 240 3.56 19.63 -11.64
C LEU A 240 4.67 20.32 -12.45
N GLY A 241 4.60 20.23 -13.77
CA GLY A 241 5.60 20.84 -14.64
C GLY A 241 6.78 19.93 -14.93
N THR A 242 7.49 20.24 -16.02
CA THR A 242 8.69 19.52 -16.43
C THR A 242 9.75 19.62 -15.33
N PRO A 243 10.35 18.47 -14.96
CA PRO A 243 11.38 18.44 -13.90
C PRO A 243 12.69 19.12 -14.30
N CYS A 244 13.51 19.43 -13.30
CA CYS A 244 14.79 20.11 -13.49
C CYS A 244 15.81 19.26 -14.26
N PRO A 245 16.81 19.92 -14.90
CA PRO A 245 17.88 19.21 -15.62
C PRO A 245 18.66 18.21 -14.79
N GLU A 246 18.80 18.46 -13.48
CA GLU A 246 19.46 17.53 -12.56
C GLU A 246 18.75 16.17 -12.52
N PHE A 247 17.42 16.21 -12.59
CA PHE A 247 16.59 15.02 -12.63
C PHE A 247 16.81 14.25 -13.94
N MET A 248 16.93 15.01 -15.03
CA MET A 248 17.07 14.45 -16.38
C MET A 248 18.32 13.58 -16.56
N LYS A 249 19.45 14.04 -16.02
CA LYS A 249 20.72 13.33 -16.16
C LYS A 249 20.82 12.07 -15.30
N LYS A 250 19.83 11.86 -14.44
CA LYS A 250 19.73 10.64 -13.63
C LYS A 250 18.93 9.55 -14.35
N LEU A 251 18.37 9.90 -15.50
CA LEU A 251 17.62 8.97 -16.34
C LEU A 251 18.57 8.23 -17.29
N GLN A 252 18.18 7.02 -17.68
CA GLN A 252 18.92 6.26 -18.68
C GLN A 252 18.68 6.86 -20.07
N PRO A 253 19.72 6.90 -20.92
CA PRO A 253 19.72 7.62 -22.21
C PRO A 253 18.44 7.50 -23.04
N THR A 254 17.86 6.30 -23.11
CA THR A 254 16.64 6.07 -23.89
C THR A 254 15.39 6.69 -23.25
N VAL A 255 15.27 6.58 -21.93
CA VAL A 255 14.19 7.22 -21.18
C VAL A 255 14.39 8.73 -21.14
N ARG A 256 15.64 9.13 -20.95
CA ARG A 256 16.05 10.54 -20.93
C ARG A 256 15.65 11.25 -22.23
N ASN A 257 15.86 10.59 -23.36
CA ASN A 257 15.47 11.10 -24.68
C ASN A 257 13.97 11.38 -24.75
N TYR A 258 13.17 10.42 -24.27
CA TYR A 258 11.71 10.54 -24.29
C TYR A 258 11.20 11.68 -23.40
N VAL A 259 11.71 11.76 -22.18
CA VAL A 259 11.25 12.74 -21.19
C VAL A 259 11.64 14.18 -21.56
N GLU A 260 12.87 14.36 -22.04
CA GLU A 260 13.38 15.68 -22.46
C GLU A 260 12.66 16.19 -23.72
N ASN A 261 12.17 15.27 -24.55
CA ASN A 261 11.47 15.62 -25.78
C ASN A 261 9.93 15.67 -25.63
N ARG A 262 9.46 15.56 -24.39
CA ARG A 262 8.04 15.76 -24.09
C ARG A 262 7.71 17.25 -24.18
N PRO A 263 6.46 17.58 -24.56
CA PRO A 263 6.00 18.98 -24.51
C PRO A 263 6.19 19.56 -23.11
N LYS A 264 6.78 20.75 -23.04
CA LYS A 264 7.11 21.36 -21.75
C LYS A 264 5.93 22.04 -21.07
N TYR A 265 5.94 21.99 -19.74
CA TYR A 265 4.90 22.62 -18.92
C TYR A 265 5.55 23.36 -17.75
N ALA A 266 4.97 24.50 -17.40
CA ALA A 266 5.44 25.28 -16.26
C ALA A 266 5.00 24.62 -14.95
N GLY A 267 3.81 24.03 -14.97
CA GLY A 267 3.25 23.39 -13.79
C GLY A 267 2.38 24.34 -13.00
N LEU A 268 1.20 23.87 -12.60
CA LEU A 268 0.27 24.66 -11.81
C LEU A 268 0.72 24.73 -10.36
N THR A 269 0.48 25.87 -9.73
CA THR A 269 0.74 26.05 -8.30
C THR A 269 -0.19 25.14 -7.49
N PHE A 270 0.24 24.81 -6.27
CA PHE A 270 -0.55 23.92 -5.40
C PHE A 270 -1.88 24.51 -4.90
N PRO A 271 -1.94 25.84 -4.64
CA PRO A 271 -3.25 26.48 -4.48
C PRO A 271 -4.20 26.26 -5.65
N LYS A 272 -3.65 26.16 -6.86
CA LYS A 272 -4.46 25.92 -8.06
C LYS A 272 -4.70 24.43 -8.32
N LEU A 273 -3.77 23.59 -7.85
CA LEU A 273 -3.93 22.14 -7.95
C LEU A 273 -5.01 21.65 -6.99
N PHE A 274 -5.01 22.20 -5.79
CA PHE A 274 -6.01 21.89 -4.76
C PHE A 274 -6.59 23.19 -4.22
N PRO A 275 -7.61 23.77 -4.91
CA PRO A 275 -8.25 25.02 -4.51
C PRO A 275 -8.80 25.02 -3.08
N ASP A 276 -8.99 26.22 -2.53
CA ASP A 276 -9.51 26.42 -1.18
C ASP A 276 -10.88 25.77 -0.98
N SER A 277 -11.68 25.75 -2.04
CA SER A 277 -13.02 25.17 -2.02
C SER A 277 -13.06 23.68 -1.66
N LEU A 278 -11.93 22.99 -1.86
CA LEU A 278 -11.82 21.57 -1.55
C LEU A 278 -11.53 21.31 -0.07
N PHE A 279 -11.17 22.38 0.65
CA PHE A 279 -10.85 22.31 2.07
C PHE A 279 -11.91 22.98 2.93
N PRO A 280 -12.16 22.44 4.14
CA PRO A 280 -13.03 23.10 5.10
C PRO A 280 -12.41 24.40 5.62
N ALA A 281 -13.17 25.48 5.58
CA ALA A 281 -12.70 26.79 6.04
C ALA A 281 -13.76 27.52 6.87
N ASP A 282 -14.41 26.76 7.75
CA ASP A 282 -15.49 27.27 8.59
C ASP A 282 -14.97 27.77 9.96
N SER A 283 -13.70 27.54 10.22
CA SER A 283 -13.06 27.94 11.46
C SER A 283 -11.58 28.28 11.23
N GLU A 284 -10.95 28.89 12.21
CA GLU A 284 -9.53 29.22 12.14
C GLU A 284 -8.66 27.96 12.19
N HIS A 285 -9.10 26.97 12.96
CA HIS A 285 -8.41 25.68 13.03
C HIS A 285 -8.37 25.00 11.67
N ASN A 286 -9.50 24.99 10.97
CA ASN A 286 -9.60 24.37 9.65
C ASN A 286 -8.88 25.15 8.55
N LYS A 287 -8.86 26.47 8.65
CA LYS A 287 -8.13 27.32 7.70
C LYS A 287 -6.62 27.10 7.77
N LEU A 288 -6.11 26.92 8.99
CA LEU A 288 -4.70 26.66 9.20
C LEU A 288 -4.32 25.25 8.72
N LYS A 289 -5.09 24.26 9.15
CA LYS A 289 -4.86 22.86 8.77
C LYS A 289 -4.94 22.64 7.25
N ALA A 290 -5.70 23.49 6.57
CA ALA A 290 -5.81 23.45 5.11
C ALA A 290 -4.53 23.92 4.42
N SER A 291 -3.91 24.96 4.98
CA SER A 291 -2.66 25.47 4.43
C SER A 291 -1.50 24.51 4.71
N GLN A 292 -1.51 23.91 5.90
CA GLN A 292 -0.53 22.89 6.28
C GLN A 292 -0.66 21.62 5.43
N ALA A 293 -1.89 21.26 5.08
CA ALA A 293 -2.17 20.09 4.23
C ALA A 293 -1.69 20.30 2.80
N ARG A 294 -1.95 21.50 2.27
CA ARG A 294 -1.49 21.89 0.94
C ARG A 294 0.04 21.97 0.90
N ASP A 295 0.64 22.33 2.04
CA ASP A 295 2.08 22.44 2.17
C ASP A 295 2.80 21.08 2.16
N LEU A 296 2.24 20.10 2.87
CA LEU A 296 2.80 18.74 2.87
C LEU A 296 2.65 18.08 1.49
N LEU A 297 1.53 18.35 0.83
CA LEU A 297 1.32 17.90 -0.54
C LEU A 297 2.41 18.42 -1.48
N SER A 298 2.75 19.70 -1.34
CA SER A 298 3.79 20.34 -2.15
C SER A 298 5.20 19.82 -1.82
N LYS A 299 5.31 19.08 -0.72
CA LYS A 299 6.59 18.49 -0.33
C LYS A 299 6.64 16.99 -0.63
N MET A 300 5.47 16.38 -0.84
CA MET A 300 5.38 14.96 -1.15
C MET A 300 5.23 14.70 -2.65
N LEU A 301 4.39 15.50 -3.31
CA LEU A 301 4.19 15.38 -4.76
C LEU A 301 5.26 16.14 -5.55
N VAL A 302 6.52 15.77 -5.30
CA VAL A 302 7.68 16.35 -5.95
C VAL A 302 8.32 15.27 -6.83
N ILE A 303 8.42 15.56 -8.14
CA ILE A 303 8.93 14.58 -9.11
C ILE A 303 10.35 14.14 -8.77
N ASP A 304 11.23 15.11 -8.54
CA ASP A 304 12.62 14.86 -8.19
C ASP A 304 12.71 14.32 -6.76
N PRO A 305 13.15 13.05 -6.60
CA PRO A 305 13.29 12.43 -5.28
C PRO A 305 14.38 13.07 -4.42
N ALA A 306 15.31 13.77 -5.07
CA ALA A 306 16.37 14.50 -4.37
C ALA A 306 15.81 15.73 -3.64
N LYS A 307 14.64 16.18 -4.09
CA LYS A 307 13.96 17.34 -3.50
C LYS A 307 12.74 16.93 -2.66
N ARG A 308 12.28 15.69 -2.85
CA ARG A 308 11.09 15.16 -2.18
C ARG A 308 11.33 14.92 -0.69
N ILE A 309 10.31 15.21 0.12
CA ILE A 309 10.40 15.05 1.58
C ILE A 309 10.64 13.58 1.97
N SER A 310 11.42 13.37 3.02
CA SER A 310 11.68 12.04 3.56
C SER A 310 10.57 11.63 4.52
N VAL A 311 10.57 10.36 4.90
CA VAL A 311 9.57 9.80 5.83
C VAL A 311 9.67 10.48 7.20
N ASP A 312 10.90 10.66 7.68
CA ASP A 312 11.14 11.25 9.00
C ASP A 312 10.76 12.73 9.06
N ASP A 313 11.01 13.46 7.98
CA ASP A 313 10.64 14.87 7.89
C ASP A 313 9.14 15.05 7.71
N ALA A 314 8.50 14.11 7.01
CA ALA A 314 7.04 14.11 6.85
C ALA A 314 6.36 13.87 8.19
N LEU A 315 7.00 13.07 9.05
CA LEU A 315 6.50 12.75 10.38
C LEU A 315 6.65 13.93 11.36
N GLN A 316 7.57 14.85 11.03
CA GLN A 316 7.82 16.03 11.85
C GLN A 316 7.03 17.26 11.37
N HIS A 317 6.41 17.13 10.20
CA HIS A 317 5.57 18.18 9.62
C HIS A 317 4.40 18.51 10.57
N PRO A 318 4.09 19.81 10.74
CA PRO A 318 3.03 20.27 11.65
C PRO A 318 1.69 19.56 11.46
N TYR A 319 1.36 19.20 10.22
CA TYR A 319 0.12 18.50 9.90
C TYR A 319 0.10 17.06 10.45
N ILE A 320 1.29 16.46 10.59
CA ILE A 320 1.40 15.06 11.01
C ILE A 320 1.85 14.88 12.46
N ASN A 321 2.82 15.70 12.89
CA ASN A 321 3.49 15.50 14.19
C ASN A 321 2.60 15.62 15.42
N VAL A 322 1.36 16.06 15.24
CA VAL A 322 0.39 16.14 16.34
C VAL A 322 0.04 14.76 16.89
N TRP A 323 0.27 13.72 16.09
CA TRP A 323 0.02 12.34 16.46
C TRP A 323 1.30 11.61 16.89
N TYR A 324 2.45 12.24 16.64
CA TYR A 324 3.76 11.60 16.87
C TYR A 324 3.86 10.90 18.22
N ASP A 325 4.43 9.69 18.19
CA ASP A 325 4.66 8.90 19.38
C ASP A 325 5.92 8.05 19.18
N PRO A 326 6.92 8.19 20.08
CA PRO A 326 8.19 7.47 19.99
C PRO A 326 8.03 5.95 19.90
N ALA A 327 7.06 5.39 20.62
CA ALA A 327 6.80 3.95 20.62
C ALA A 327 6.29 3.45 19.27
N GLU A 328 5.49 4.28 18.60
CA GLU A 328 4.89 3.95 17.32
C GLU A 328 5.83 4.25 16.14
N VAL A 329 6.50 5.38 16.20
CA VAL A 329 7.39 5.84 15.12
C VAL A 329 8.75 5.13 15.19
N GLU A 330 9.42 5.25 16.34
CA GLU A 330 10.74 4.65 16.54
C GLU A 330 10.59 3.25 17.12
N ALA A 331 10.48 2.27 16.22
CA ALA A 331 10.32 0.87 16.62
C ALA A 331 11.48 0.02 16.09
N PRO A 332 11.97 -0.93 16.92
CA PRO A 332 13.02 -1.85 16.49
C PRO A 332 12.55 -2.78 15.37
N PRO A 333 13.38 -2.96 14.31
CA PRO A 333 13.04 -3.82 13.17
C PRO A 333 13.01 -5.31 13.55
N GLU A 343 17.01 -13.31 -2.70
CA GLU A 343 15.97 -13.42 -3.73
C GLU A 343 16.51 -14.10 -4.98
N ARG A 344 15.86 -15.20 -5.36
CA ARG A 344 16.34 -16.07 -6.44
C ARG A 344 15.22 -16.44 -7.41
N GLU A 345 15.59 -17.12 -8.50
CA GLU A 345 14.64 -17.61 -9.50
C GLU A 345 14.52 -19.12 -9.44
N HIS A 346 13.29 -19.63 -9.52
CA HIS A 346 13.02 -21.06 -9.39
C HIS A 346 11.98 -21.56 -10.39
N THR A 347 11.91 -22.88 -10.57
CA THR A 347 10.86 -23.51 -11.36
C THR A 347 9.60 -23.67 -10.49
N ILE A 348 8.47 -23.98 -11.14
CA ILE A 348 7.19 -24.16 -10.42
C ILE A 348 7.23 -25.31 -9.42
N GLU A 349 8.08 -26.30 -9.68
CA GLU A 349 8.32 -27.43 -8.78
C GLU A 349 9.11 -26.99 -7.53
N GLU A 350 10.10 -26.13 -7.73
CA GLU A 350 10.95 -25.64 -6.65
C GLU A 350 10.22 -24.63 -5.76
N TRP A 351 9.40 -23.78 -6.37
CA TRP A 351 8.58 -22.81 -5.64
C TRP A 351 7.56 -23.50 -4.74
N LYS A 352 6.97 -24.58 -5.25
CA LYS A 352 5.99 -25.37 -4.53
C LYS A 352 6.52 -25.85 -3.18
N GLU A 353 7.73 -26.40 -3.18
CA GLU A 353 8.36 -26.91 -1.97
C GLU A 353 8.78 -25.80 -1.02
N LEU A 354 9.29 -24.70 -1.57
CA LEU A 354 9.71 -23.53 -0.78
C LEU A 354 8.54 -22.91 -0.01
N ILE A 355 7.41 -22.76 -0.69
CA ILE A 355 6.19 -22.23 -0.08
C ILE A 355 5.63 -23.22 0.95
N TYR A 356 5.57 -24.51 0.57
CA TYR A 356 5.08 -25.56 1.45
C TYR A 356 5.84 -25.63 2.77
N LYS A 357 7.17 -25.50 2.69
CA LYS A 357 8.03 -25.51 3.87
C LYS A 357 7.72 -24.37 4.85
N GLU A 358 7.47 -23.18 4.33
CA GLU A 358 7.14 -22.02 5.14
C GLU A 358 5.79 -22.16 5.85
N VAL A 359 4.83 -22.79 5.18
CA VAL A 359 3.51 -23.06 5.75
C VAL A 359 3.60 -24.07 6.89
N MET A 360 4.35 -25.16 6.65
CA MET A 360 4.51 -26.23 7.63
C MET A 360 5.48 -25.88 8.75
N ASN A 361 6.34 -24.88 8.49
CA ASN A 361 7.38 -24.44 9.44
C ASN A 361 8.29 -25.57 9.92
C1 589 B . -4.74 -12.32 5.57
C2 589 B . -5.47 -11.45 4.81
C3 589 B . -4.78 -10.47 3.97
C4 589 B . -3.41 -10.44 3.97
C5 589 B . -2.71 -11.31 4.76
C6 589 B . -3.37 -12.23 5.53
C7 589 B . -5.53 -9.60 3.20
C8 589 B . -6.90 -9.59 3.17
C9 589 B . -7.47 -10.55 3.99
C10 589 B . -6.80 -11.46 4.79
N11 589 B . -7.59 -8.73 2.43
C12 589 B . -8.53 -7.90 2.84
N13 589 B . -8.97 -7.28 1.75
N14 589 B . -8.25 -7.73 0.72
C15 589 B . -7.41 -8.61 1.18
O16 589 B . -6.58 -9.28 0.51
C17 589 B . -8.63 -7.08 -0.52
C18 589 B . -9.25 -7.96 -1.53
C19 589 B . -9.95 -7.06 -2.49
O20 589 B . -8.99 -6.34 -3.19
C21 589 B . -8.05 -5.61 -2.42
C22 589 B . -7.52 -6.34 -1.20
C23 589 B . -9.16 -7.63 4.15
C24 589 B . -8.47 -7.77 5.31
C25 589 B . -9.06 -7.49 6.49
N26 589 B . -10.30 -7.10 6.56
C27 589 B . -11.03 -6.92 5.47
C28 589 B . -10.45 -7.19 4.24
N29 589 B . -12.29 -6.51 5.62
C30 589 B . -13.15 -6.06 4.59
C31 589 B . -14.56 -6.07 5.09
C32 589 B . -15.50 -5.51 4.05
C33 589 B . -15.17 -4.11 3.65
C34 589 B . -13.74 -4.07 3.19
C35 589 B . -12.78 -4.65 4.20
#